data_1YC4
#
_entry.id   1YC4
#
_cell.length_a   71.553
_cell.length_b   88.380
_cell.length_c   86.964
_cell.angle_alpha   90.00
_cell.angle_beta   90.00
_cell.angle_gamma   90.00
#
_symmetry.space_group_name_H-M   'C 2 2 21'
#
loop_
_entity.id
_entity.type
_entity.pdbx_description
1 polymer 'Heat shock protein HSP 90-alpha'
2 non-polymer 4-(1H-IMIDAZOL-4-YL)-3-(5-ETHYL-2,4-DIHYDROXY-PHENYL)-1H-PYRAZOLE
3 water water
#
_entity_poly.entity_id   1
_entity_poly.type   'polypeptide(L)'
_entity_poly.pdbx_seq_one_letter_code
;MRGSHHHHHHGMASMTGGQQMGRDLYDDDDKDRWGSDQPMEEEEVETFAFQAEIAQLMSLIINTFYSNKEIFLRELISNS
SDALDKIRYETLTDPSKLDSGKELHINLIPNKQDRTLTIVDTGIGMTKADLINNLGTIAKSGTKAFMEALQAGADISMIG
QFGVGFYSAYLVAEKVTVITKHNDDEQYAWESSAGGSFTVRTDTGEPMGRGTKVILHLKEDQTEYLEERRIKEIVKKHSQ
FIGYPITLFVEKERDKEVSDDEAE
;
_entity_poly.pdbx_strand_id   A
#
# COMPACT_ATOMS: atom_id res chain seq x y z
N GLU A 43 7.63 -13.99 16.67
CA GLU A 43 8.75 -14.98 16.46
C GLU A 43 8.51 -15.92 15.29
N GLU A 44 7.25 -16.38 15.14
CA GLU A 44 6.88 -17.28 14.05
C GLU A 44 6.65 -16.49 12.75
N VAL A 45 7.49 -16.72 11.76
CA VAL A 45 7.36 -16.03 10.50
C VAL A 45 6.99 -17.07 9.43
N GLU A 46 5.98 -16.78 8.64
CA GLU A 46 5.61 -17.70 7.59
C GLU A 46 5.99 -17.04 6.27
N THR A 47 6.51 -17.85 5.34
CA THR A 47 6.91 -17.30 4.06
C THR A 47 6.01 -17.95 2.98
N PHE A 48 5.62 -17.10 2.01
CA PHE A 48 4.74 -17.56 0.93
C PHE A 48 5.35 -17.17 -0.35
N ALA A 49 4.90 -17.82 -1.44
CA ALA A 49 5.34 -17.48 -2.77
C ALA A 49 4.21 -16.58 -3.35
N PHE A 50 4.57 -15.60 -4.15
CA PHE A 50 3.50 -14.85 -4.86
C PHE A 50 2.98 -15.74 -5.96
N GLN A 51 1.74 -15.58 -6.34
CA GLN A 51 1.22 -16.32 -7.50
C GLN A 51 2.18 -15.86 -8.64
N ALA A 52 2.40 -16.73 -9.62
CA ALA A 52 3.33 -16.41 -10.69
C ALA A 52 3.12 -15.12 -11.38
N GLU A 53 1.86 -14.80 -11.69
CA GLU A 53 1.61 -13.60 -12.40
C GLU A 53 2.07 -12.38 -11.59
N ILE A 54 1.84 -12.44 -10.29
CA ILE A 54 2.26 -11.32 -9.42
C ILE A 54 3.75 -11.23 -9.43
N ALA A 55 4.43 -12.36 -9.25
CA ALA A 55 5.87 -12.35 -9.23
C ALA A 55 6.42 -11.77 -10.54
N GLN A 56 5.75 -12.13 -11.64
CA GLN A 56 6.17 -11.56 -12.94
C GLN A 56 5.97 -10.03 -12.99
N LEU A 57 4.83 -9.59 -12.46
CA LEU A 57 4.52 -8.16 -12.44
C LEU A 57 5.57 -7.45 -11.59
N MET A 58 5.82 -7.99 -10.41
CA MET A 58 6.78 -7.35 -9.52
C MET A 58 8.15 -7.28 -10.11
N SER A 59 8.54 -8.35 -10.82
CA SER A 59 9.89 -8.31 -11.37
C SER A 59 10.01 -7.20 -12.41
N LEU A 60 8.96 -7.03 -13.22
CA LEU A 60 9.00 -5.97 -14.20
C LEU A 60 9.08 -4.59 -13.50
N ILE A 61 8.23 -4.46 -12.49
CA ILE A 61 8.13 -3.19 -11.80
C ILE A 61 9.39 -2.82 -11.11
N ILE A 62 9.97 -3.77 -10.43
CA ILE A 62 11.11 -3.40 -9.64
C ILE A 62 12.37 -3.05 -10.41
N ASN A 63 12.43 -3.52 -11.67
CA ASN A 63 13.58 -3.30 -12.55
C ASN A 63 13.38 -2.23 -13.66
N THR A 64 12.17 -1.77 -13.82
CA THR A 64 11.90 -0.83 -14.88
C THR A 64 12.48 0.56 -14.62
N PHE A 65 12.82 1.26 -15.71
CA PHE A 65 13.26 2.60 -15.55
C PHE A 65 12.08 3.54 -15.83
N TYR A 66 10.87 3.01 -15.92
CA TYR A 66 9.65 3.81 -16.12
C TYR A 66 9.84 5.13 -15.33
N SER A 67 9.73 6.26 -16.00
CA SER A 67 10.05 7.52 -15.33
C SER A 67 9.03 8.09 -14.38
N ASN A 68 7.76 7.96 -14.68
CA ASN A 68 6.74 8.55 -13.81
C ASN A 68 6.45 7.68 -12.59
N LYS A 69 7.48 7.51 -11.79
CA LYS A 69 7.36 6.68 -10.62
C LYS A 69 6.39 7.23 -9.54
N GLU A 70 6.07 8.52 -9.63
CA GLU A 70 5.20 9.15 -8.61
C GLU A 70 3.83 8.55 -8.56
N ILE A 71 3.44 7.77 -9.58
CA ILE A 71 2.12 7.14 -9.53
C ILE A 71 1.94 6.24 -8.32
N PHE A 72 3.04 5.74 -7.78
CA PHE A 72 2.84 4.88 -6.61
C PHE A 72 2.05 5.55 -5.47
N LEU A 73 2.22 6.86 -5.32
CA LEU A 73 1.58 7.50 -4.17
C LEU A 73 0.10 7.60 -4.42
N ARG A 74 -0.26 7.90 -5.68
CA ARG A 74 -1.65 7.98 -6.07
C ARG A 74 -2.33 6.64 -5.78
N GLU A 75 -1.70 5.56 -6.19
CA GLU A 75 -2.26 4.23 -6.00
C GLU A 75 -2.42 3.85 -4.53
N LEU A 76 -1.42 4.17 -3.69
CA LEU A 76 -1.54 3.79 -2.27
C LEU A 76 -2.63 4.62 -1.59
N ILE A 77 -2.70 5.87 -2.00
CA ILE A 77 -3.72 6.71 -1.40
C ILE A 77 -5.06 6.21 -1.82
N SER A 78 -5.15 5.80 -3.10
CA SER A 78 -6.42 5.26 -3.59
C SER A 78 -6.84 4.02 -2.85
N ASN A 79 -5.90 3.12 -2.60
CA ASN A 79 -6.17 1.93 -1.84
C ASN A 79 -6.65 2.31 -0.40
N SER A 80 -5.95 3.24 0.23
CA SER A 80 -6.33 3.69 1.56
C SER A 80 -7.77 4.22 1.52
N SER A 81 -8.06 5.04 0.53
CA SER A 81 -9.38 5.62 0.42
C SER A 81 -10.44 4.51 0.28
N ASP A 82 -10.13 3.51 -0.52
CA ASP A 82 -11.05 2.39 -0.69
C ASP A 82 -11.27 1.63 0.61
N ALA A 83 -10.19 1.40 1.39
CA ALA A 83 -10.35 0.74 2.70
C ALA A 83 -11.12 1.59 3.70
N LEU A 84 -10.99 2.92 3.59
CA LEU A 84 -11.72 3.84 4.49
C LEU A 84 -13.20 3.75 4.09
N ASP A 85 -13.45 3.70 2.81
CA ASP A 85 -14.86 3.51 2.34
C ASP A 85 -15.43 2.23 2.93
N LYS A 86 -14.67 1.14 2.87
CA LYS A 86 -15.16 -0.12 3.42
C LYS A 86 -15.56 -0.08 4.88
N ILE A 87 -14.68 0.45 5.76
CA ILE A 87 -15.07 0.46 7.18
C ILE A 87 -16.23 1.46 7.42
N ARG A 88 -16.18 2.58 6.72
CA ARG A 88 -17.21 3.55 6.88
C ARG A 88 -18.59 2.95 6.49
N TYR A 89 -18.60 2.18 5.42
CA TYR A 89 -19.81 1.52 4.98
C TYR A 89 -20.28 0.59 6.06
N GLU A 90 -19.41 -0.33 6.45
CA GLU A 90 -19.78 -1.25 7.48
C GLU A 90 -20.30 -0.56 8.76
N THR A 91 -19.82 0.64 9.07
CA THR A 91 -20.28 1.33 10.28
C THR A 91 -21.69 1.93 10.11
N LEU A 92 -22.23 1.85 8.89
CA LEU A 92 -23.54 2.42 8.59
C LEU A 92 -24.71 1.61 9.14
N THR A 93 -24.45 0.37 9.48
CA THR A 93 -25.46 -0.53 10.02
C THR A 93 -24.92 -0.96 11.36
N ASP A 94 -23.60 -0.82 11.53
CA ASP A 94 -23.00 -1.27 12.76
C ASP A 94 -21.93 -0.35 13.32
N PRO A 95 -22.35 0.64 14.12
CA PRO A 95 -21.49 1.65 14.78
C PRO A 95 -20.32 1.11 15.64
N SER A 96 -20.52 -0.06 16.24
CA SER A 96 -19.44 -0.61 17.04
C SER A 96 -18.21 -0.83 16.14
N LYS A 97 -18.41 -0.94 14.82
CA LYS A 97 -17.29 -1.15 13.89
C LYS A 97 -16.20 -0.11 14.10
N LEU A 98 -16.56 1.09 14.54
CA LEU A 98 -15.56 2.10 14.81
C LEU A 98 -15.10 2.18 16.25
N ASP A 99 -15.39 1.15 17.06
CA ASP A 99 -14.90 1.19 18.45
C ASP A 99 -13.37 1.22 18.43
N SER A 100 -12.79 0.67 17.37
CA SER A 100 -11.35 0.64 17.24
C SER A 100 -10.77 1.96 16.74
N GLY A 101 -11.62 2.98 16.55
CA GLY A 101 -11.12 4.29 16.13
C GLY A 101 -12.15 4.97 15.27
N LYS A 102 -12.54 6.21 15.60
CA LYS A 102 -13.55 6.92 14.82
C LYS A 102 -12.94 7.74 13.71
N GLU A 103 -11.70 8.12 13.83
CA GLU A 103 -11.09 8.96 12.80
C GLU A 103 -10.85 8.15 11.51
N LEU A 104 -11.22 8.75 10.39
CA LEU A 104 -11.06 8.12 9.06
C LEU A 104 -10.12 9.03 8.29
N HIS A 105 -8.87 8.61 8.16
CA HIS A 105 -7.94 9.51 7.51
C HIS A 105 -6.71 8.79 6.97
N ILE A 106 -5.91 9.57 6.27
CA ILE A 106 -4.68 9.04 5.67
C ILE A 106 -3.52 9.96 6.06
N ASN A 107 -2.45 9.39 6.65
CA ASN A 107 -1.29 10.20 7.01
C ASN A 107 -0.06 9.74 6.21
N LEU A 108 0.75 10.72 5.81
CA LEU A 108 1.98 10.46 5.01
C LEU A 108 3.10 10.85 5.92
N ILE A 109 3.99 9.90 6.15
CA ILE A 109 5.10 10.16 7.07
C ILE A 109 6.50 9.80 6.49
N PRO A 110 7.20 10.78 5.97
CA PRO A 110 8.54 10.62 5.40
C PRO A 110 9.50 10.57 6.62
N ASN A 111 10.52 9.72 6.53
CA ASN A 111 11.50 9.57 7.62
C ASN A 111 12.86 9.48 6.88
N LYS A 112 13.51 10.63 6.71
CA LYS A 112 14.81 10.64 6.01
C LYS A 112 15.84 9.80 6.73
N GLN A 113 15.85 9.80 8.05
CA GLN A 113 16.85 9.00 8.78
C GLN A 113 16.73 7.48 8.47
N ASP A 114 15.52 6.98 8.38
CA ASP A 114 15.33 5.56 8.11
C ASP A 114 15.15 5.29 6.61
N ARG A 115 15.06 6.37 5.83
CA ARG A 115 14.84 6.35 4.37
C ARG A 115 13.51 5.55 4.11
N THR A 116 12.45 5.92 4.84
CA THR A 116 11.18 5.26 4.63
C THR A 116 10.11 6.33 4.49
N LEU A 117 9.13 5.99 3.62
CA LEU A 117 7.94 6.85 3.51
C LEU A 117 6.84 5.92 3.98
N THR A 118 6.06 6.36 4.94
CA THR A 118 5.01 5.54 5.48
C THR A 118 3.63 6.15 5.18
N ILE A 119 2.70 5.32 4.71
CA ILE A 119 1.33 5.76 4.40
C ILE A 119 0.42 5.01 5.36
N VAL A 120 -0.23 5.74 6.23
CA VAL A 120 -1.08 5.05 7.22
C VAL A 120 -2.53 5.41 7.01
N ASP A 121 -3.45 4.45 7.13
CA ASP A 121 -4.85 4.85 7.04
C ASP A 121 -5.55 4.14 8.15
N THR A 122 -6.75 4.63 8.44
CA THR A 122 -7.54 3.98 9.48
C THR A 122 -8.71 3.30 8.81
N GLY A 123 -8.43 2.66 7.68
CA GLY A 123 -9.47 1.94 6.95
C GLY A 123 -9.87 0.64 7.60
N ILE A 124 -10.52 -0.21 6.84
CA ILE A 124 -11.00 -1.49 7.41
C ILE A 124 -9.90 -2.46 7.82
N GLY A 125 -8.70 -2.34 7.23
CA GLY A 125 -7.63 -3.24 7.60
C GLY A 125 -7.80 -4.58 6.89
N MET A 126 -6.88 -5.48 7.11
CA MET A 126 -6.91 -6.80 6.53
C MET A 126 -6.70 -7.88 7.54
N THR A 127 -7.49 -8.96 7.46
CA THR A 127 -7.22 -10.10 8.36
C THR A 127 -5.98 -10.80 7.75
N LYS A 128 -5.45 -11.80 8.46
CA LYS A 128 -4.29 -12.56 7.90
C LYS A 128 -4.64 -13.12 6.56
N ALA A 129 -5.82 -13.70 6.46
CA ALA A 129 -6.24 -14.30 5.23
C ALA A 129 -6.35 -13.29 4.11
N ASP A 130 -6.93 -12.12 4.41
CA ASP A 130 -7.08 -11.06 3.42
C ASP A 130 -5.68 -10.61 2.97
N LEU A 131 -4.75 -10.53 3.92
CA LEU A 131 -3.42 -10.06 3.57
C LEU A 131 -2.75 -11.00 2.59
N ILE A 132 -2.78 -12.30 2.90
CA ILE A 132 -2.18 -13.31 2.04
C ILE A 132 -2.83 -13.37 0.70
N ASN A 133 -4.18 -13.33 0.71
CA ASN A 133 -4.89 -13.46 -0.54
C ASN A 133 -4.72 -12.21 -1.41
N ASN A 134 -4.97 -11.05 -0.80
CA ASN A 134 -4.89 -9.78 -1.51
C ASN A 134 -3.52 -9.46 -2.08
N LEU A 135 -2.47 -9.66 -1.30
CA LEU A 135 -1.17 -9.26 -1.78
C LEU A 135 -0.40 -10.40 -2.41
N GLY A 136 -0.80 -11.63 -2.11
CA GLY A 136 -0.04 -12.75 -2.67
C GLY A 136 -0.65 -13.35 -3.95
N THR A 137 -1.88 -12.95 -4.30
CA THR A 137 -2.55 -13.56 -5.48
C THR A 137 -3.21 -12.57 -6.39
N ILE A 138 -3.60 -13.03 -7.57
CA ILE A 138 -4.24 -12.17 -8.55
C ILE A 138 -5.54 -11.75 -7.93
N ALA A 139 -6.12 -12.67 -7.20
CA ALA A 139 -7.38 -12.39 -6.51
C ALA A 139 -8.41 -11.70 -7.42
N LYS A 140 -8.84 -10.50 -7.01
CA LYS A 140 -9.90 -9.77 -7.74
C LYS A 140 -9.45 -8.98 -8.96
N SER A 141 -8.14 -8.93 -9.20
CA SER A 141 -7.62 -8.09 -10.30
C SER A 141 -7.62 -8.62 -11.73
N GLY A 142 -7.32 -7.70 -12.64
CA GLY A 142 -7.20 -8.01 -14.05
C GLY A 142 -5.69 -7.97 -14.31
N THR A 143 -4.90 -8.60 -13.41
CA THR A 143 -3.43 -8.63 -13.58
C THR A 143 -3.07 -9.23 -14.95
N LYS A 144 -3.70 -10.34 -15.33
CA LYS A 144 -3.29 -10.93 -16.59
C LYS A 144 -3.56 -9.89 -17.69
N ALA A 145 -4.76 -9.34 -17.67
CA ALA A 145 -5.13 -8.34 -18.67
C ALA A 145 -4.06 -7.21 -18.72
N PHE A 146 -3.67 -6.70 -17.56
CA PHE A 146 -2.68 -5.65 -17.52
C PHE A 146 -1.35 -6.03 -18.16
N MET A 147 -0.86 -7.23 -17.82
CA MET A 147 0.42 -7.66 -18.33
C MET A 147 0.36 -7.80 -19.86
N GLU A 148 -0.82 -8.11 -20.41
CA GLU A 148 -0.97 -8.22 -21.87
C GLU A 148 -0.94 -6.78 -22.43
N ALA A 149 -1.68 -5.87 -21.80
CA ALA A 149 -1.66 -4.49 -22.27
C ALA A 149 -0.25 -3.88 -22.13
N LEU A 150 0.53 -4.28 -21.11
CA LEU A 150 1.88 -3.74 -20.95
C LEU A 150 2.63 -4.21 -22.21
N GLN A 151 2.47 -5.49 -22.55
CA GLN A 151 3.13 -6.09 -23.72
C GLN A 151 2.57 -5.53 -25.05
N ALA A 152 1.55 -4.67 -24.93
CA ALA A 152 0.90 -4.06 -26.07
C ALA A 152 1.07 -2.54 -26.09
N GLY A 153 2.13 -2.03 -25.47
CA GLY A 153 2.38 -0.61 -25.46
C GLY A 153 1.53 0.29 -24.56
N ALA A 154 1.07 -0.28 -23.43
CA ALA A 154 0.29 0.49 -22.47
C ALA A 154 1.18 0.99 -21.31
N ASP A 155 0.84 2.20 -20.89
CA ASP A 155 1.54 2.88 -19.82
C ASP A 155 1.33 2.17 -18.47
N ILE A 156 2.39 2.08 -17.67
CA ILE A 156 2.29 1.43 -16.36
C ILE A 156 1.32 2.21 -15.46
N SER A 157 1.16 3.51 -15.72
CA SER A 157 0.24 4.37 -14.94
C SER A 157 -1.17 3.84 -14.98
N MET A 158 -1.41 2.89 -15.89
CA MET A 158 -2.74 2.29 -16.01
C MET A 158 -3.03 1.22 -14.94
N ILE A 159 -1.97 0.71 -14.33
CA ILE A 159 -1.99 -0.35 -13.30
C ILE A 159 -3.17 -0.23 -12.32
N GLY A 160 -3.52 1.00 -11.89
CA GLY A 160 -4.58 1.16 -10.93
C GLY A 160 -5.94 0.77 -11.49
N GLN A 161 -6.02 0.86 -12.81
CA GLN A 161 -7.24 0.55 -13.51
C GLN A 161 -7.51 -0.95 -13.62
N PHE A 162 -6.43 -1.75 -13.40
CA PHE A 162 -6.47 -3.21 -13.44
C PHE A 162 -6.40 -3.88 -12.02
N GLY A 163 -6.57 -3.03 -10.99
CA GLY A 163 -6.64 -3.50 -9.63
C GLY A 163 -5.43 -4.10 -8.92
N VAL A 164 -4.21 -3.70 -9.36
CA VAL A 164 -2.91 -4.19 -8.82
C VAL A 164 -1.98 -2.96 -8.54
N GLY A 165 -2.59 -1.81 -8.36
CA GLY A 165 -1.86 -0.56 -8.15
C GLY A 165 -0.87 -0.63 -7.00
N PHE A 166 -1.21 -1.42 -6.00
CA PHE A 166 -0.27 -1.54 -4.86
C PHE A 166 1.18 -1.87 -5.31
N TYR A 167 1.34 -2.70 -6.34
CA TYR A 167 2.69 -3.11 -6.64
C TYR A 167 3.57 -2.02 -7.24
N SER A 168 2.94 -0.93 -7.62
CA SER A 168 3.69 0.21 -8.14
C SER A 168 4.62 0.74 -7.03
N ALA A 169 4.35 0.32 -5.79
CA ALA A 169 5.24 0.75 -4.68
C ALA A 169 6.69 0.35 -5.01
N TYR A 170 6.86 -0.77 -5.71
CA TYR A 170 8.20 -1.23 -6.03
C TYR A 170 8.92 -0.42 -7.09
N LEU A 171 8.21 0.52 -7.66
CA LEU A 171 8.88 1.49 -8.55
C LEU A 171 9.85 2.27 -7.66
N VAL A 172 9.47 2.55 -6.42
CA VAL A 172 10.37 3.37 -5.57
C VAL A 172 11.01 2.74 -4.38
N ALA A 173 10.48 1.56 -4.00
CA ALA A 173 10.93 0.89 -2.81
C ALA A 173 11.62 -0.40 -3.11
N GLU A 174 12.65 -0.71 -2.32
CA GLU A 174 13.36 -1.99 -2.48
C GLU A 174 12.67 -3.00 -1.59
N LYS A 175 11.93 -2.52 -0.59
CA LYS A 175 11.24 -3.42 0.31
C LYS A 175 9.98 -2.69 0.78
N VAL A 176 8.88 -3.42 0.96
CA VAL A 176 7.64 -2.80 1.48
C VAL A 176 7.19 -3.68 2.60
N THR A 177 6.82 -3.02 3.72
CA THR A 177 6.26 -3.74 4.85
C THR A 177 4.81 -3.21 4.99
N VAL A 178 3.85 -4.09 5.26
CA VAL A 178 2.48 -3.66 5.38
C VAL A 178 2.03 -4.15 6.74
N ILE A 179 1.65 -3.22 7.61
CA ILE A 179 1.18 -3.61 8.95
C ILE A 179 -0.34 -3.37 8.88
N THR A 180 -1.15 -4.33 9.34
CA THR A 180 -2.54 -4.10 9.22
C THR A 180 -3.30 -4.69 10.41
N LYS A 181 -4.42 -4.06 10.70
CA LYS A 181 -5.27 -4.50 11.82
C LYS A 181 -6.71 -4.38 11.39
N HIS A 182 -7.38 -5.52 11.39
CA HIS A 182 -8.79 -5.57 11.01
C HIS A 182 -9.55 -5.89 12.32
N ASN A 183 -10.77 -5.41 12.41
CA ASN A 183 -11.56 -5.66 13.64
C ASN A 183 -11.61 -7.13 14.00
N ASP A 184 -11.71 -7.97 12.97
CA ASP A 184 -11.86 -9.42 13.21
C ASP A 184 -10.58 -10.27 13.34
N ASP A 185 -9.40 -9.65 13.56
CA ASP A 185 -8.16 -10.45 13.64
C ASP A 185 -7.14 -9.66 14.38
N GLU A 186 -5.95 -10.24 14.58
CA GLU A 186 -4.84 -9.62 15.28
C GLU A 186 -4.11 -8.71 14.28
N GLN A 187 -3.14 -7.97 14.79
CA GLN A 187 -2.33 -7.08 13.96
C GLN A 187 -1.23 -7.93 13.30
N TYR A 188 -1.06 -7.77 11.99
CA TYR A 188 -0.06 -8.60 11.25
C TYR A 188 0.82 -7.72 10.46
N ALA A 189 2.02 -8.24 10.16
CA ALA A 189 3.02 -7.50 9.34
C ALA A 189 3.30 -8.41 8.13
N TRP A 190 3.20 -7.85 6.93
CA TRP A 190 3.48 -8.59 5.68
C TRP A 190 4.71 -7.86 5.17
N GLU A 191 5.62 -8.54 4.47
CA GLU A 191 6.77 -7.81 4.02
C GLU A 191 7.34 -8.49 2.80
N SER A 192 7.87 -7.73 1.85
CA SER A 192 8.50 -8.36 0.70
C SER A 192 9.48 -7.44 0.04
N SER A 193 10.61 -8.03 -0.35
CA SER A 193 11.59 -7.32 -1.15
C SER A 193 11.56 -7.89 -2.58
N ALA A 194 10.39 -8.39 -2.99
CA ALA A 194 10.14 -8.99 -4.30
C ALA A 194 10.98 -10.26 -4.37
N GLY A 195 11.52 -10.60 -5.52
CA GLY A 195 12.23 -11.86 -5.54
C GLY A 195 11.30 -13.07 -5.48
N GLY A 196 9.97 -12.90 -5.51
CA GLY A 196 9.07 -14.05 -5.51
C GLY A 196 8.43 -14.59 -4.23
N SER A 197 8.82 -14.03 -3.06
CA SER A 197 8.24 -14.47 -1.81
C SER A 197 7.93 -13.26 -0.90
N PHE A 198 7.05 -13.48 0.06
CA PHE A 198 6.75 -12.46 1.05
C PHE A 198 6.59 -13.18 2.38
N THR A 199 6.70 -12.44 3.47
CA THR A 199 6.49 -13.07 4.77
C THR A 199 5.29 -12.42 5.48
N VAL A 200 4.72 -13.17 6.40
CA VAL A 200 3.63 -12.68 7.22
C VAL A 200 3.95 -13.16 8.64
N ARG A 201 3.79 -12.24 9.60
CA ARG A 201 4.00 -12.56 11.01
C ARG A 201 3.06 -11.69 11.86
N THR A 202 2.76 -12.16 13.06
CA THR A 202 1.94 -11.31 13.94
C THR A 202 2.89 -10.18 14.31
N ASP A 203 2.35 -8.98 14.33
CA ASP A 203 3.14 -7.83 14.63
C ASP A 203 3.16 -7.58 16.12
N THR A 204 4.35 -7.38 16.63
CA THR A 204 4.57 -7.10 18.05
C THR A 204 4.87 -5.61 18.22
N GLY A 205 4.73 -4.87 17.13
CA GLY A 205 4.98 -3.44 17.18
C GLY A 205 3.87 -2.65 17.86
N GLU A 206 3.98 -1.34 17.71
CA GLU A 206 3.02 -0.41 18.24
C GLU A 206 1.61 -0.83 17.79
N PRO A 207 0.66 -0.93 18.71
CA PRO A 207 -0.70 -1.32 18.32
C PRO A 207 -1.34 -0.26 17.44
N MET A 208 -2.03 -0.66 16.38
CA MET A 208 -2.74 0.25 15.53
C MET A 208 -4.12 -0.04 16.04
N GLY A 209 -5.04 0.88 15.91
CA GLY A 209 -6.35 0.52 16.42
C GLY A 209 -7.04 -0.29 15.34
N ARG A 210 -6.87 0.17 14.12
CA ARG A 210 -7.50 -0.52 12.98
C ARG A 210 -6.96 0.27 11.76
N GLY A 211 -6.67 -0.47 10.70
CA GLY A 211 -6.23 0.19 9.46
C GLY A 211 -5.07 -0.54 8.87
N THR A 212 -4.36 0.21 8.02
CA THR A 212 -3.23 -0.42 7.32
C THR A 212 -2.16 0.63 7.20
N LYS A 213 -0.92 0.21 7.43
CA LYS A 213 0.20 1.14 7.33
C LYS A 213 1.17 0.49 6.29
N VAL A 214 1.56 1.26 5.27
CA VAL A 214 2.46 0.76 4.22
C VAL A 214 3.73 1.49 4.41
N ILE A 215 4.78 0.73 4.72
CA ILE A 215 6.09 1.35 4.94
C ILE A 215 6.95 1.03 3.68
N LEU A 216 7.32 2.06 2.96
CA LEU A 216 8.13 1.92 1.76
C LEU A 216 9.59 2.16 2.14
N HIS A 217 10.42 1.10 2.07
CA HIS A 217 11.87 1.25 2.33
C HIS A 217 12.43 1.67 0.97
N LEU A 218 12.71 2.97 0.80
CA LEU A 218 13.01 3.49 -0.48
C LEU A 218 14.34 3.13 -1.05
N LYS A 219 14.31 2.95 -2.36
CA LYS A 219 15.56 2.72 -3.12
C LYS A 219 16.44 3.98 -2.89
N GLU A 220 17.77 3.81 -2.88
CA GLU A 220 18.64 4.93 -2.64
C GLU A 220 18.45 6.15 -3.54
N ASP A 221 18.12 5.92 -4.80
CA ASP A 221 17.94 7.00 -5.73
C ASP A 221 16.54 7.55 -5.78
N GLN A 222 15.69 7.07 -4.90
CA GLN A 222 14.29 7.58 -4.94
C GLN A 222 13.93 8.39 -3.66
N THR A 223 14.93 9.01 -3.02
CA THR A 223 14.65 9.71 -1.78
C THR A 223 13.93 11.06 -2.03
N GLU A 224 13.71 11.42 -3.28
CA GLU A 224 12.93 12.66 -3.50
C GLU A 224 11.59 12.48 -2.81
N TYR A 225 11.16 11.24 -2.63
CA TYR A 225 9.83 11.05 -2.02
C TYR A 225 9.78 11.21 -0.50
N LEU A 226 10.88 11.70 0.07
CA LEU A 226 10.91 12.01 1.48
C LEU A 226 10.97 13.51 1.61
N GLU A 227 11.04 14.25 0.49
CA GLU A 227 11.07 15.71 0.52
C GLU A 227 9.62 16.23 0.62
N GLU A 228 9.38 17.13 1.57
CA GLU A 228 8.06 17.71 1.77
C GLU A 228 7.52 18.32 0.48
N ARG A 229 8.36 19.08 -0.23
CA ARG A 229 7.92 19.78 -1.41
C ARG A 229 7.39 18.83 -2.52
N ARG A 230 8.03 17.67 -2.63
CA ARG A 230 7.68 16.70 -3.69
C ARG A 230 6.41 15.95 -3.26
N ILE A 231 6.33 15.59 -2.00
CA ILE A 231 5.12 14.89 -1.53
C ILE A 231 3.96 15.83 -1.71
N LYS A 232 4.12 17.07 -1.27
CA LYS A 232 3.06 18.10 -1.42
C LYS A 232 2.62 18.23 -2.86
N GLU A 233 3.55 18.36 -3.81
CA GLU A 233 3.20 18.48 -5.22
C GLU A 233 2.39 17.31 -5.75
N ILE A 234 2.82 16.11 -5.40
CA ILE A 234 2.14 14.92 -5.89
C ILE A 234 0.76 14.81 -5.28
N VAL A 235 0.68 15.07 -3.97
CA VAL A 235 -0.58 14.98 -3.24
C VAL A 235 -1.56 16.13 -3.53
N LYS A 236 -1.01 17.33 -3.68
CA LYS A 236 -1.86 18.49 -3.97
C LYS A 236 -2.67 18.07 -5.19
N LYS A 237 -2.09 17.26 -6.03
CA LYS A 237 -2.77 16.86 -7.23
C LYS A 237 -3.84 15.81 -7.01
N HIS A 238 -3.68 14.92 -6.06
CA HIS A 238 -4.67 13.86 -5.93
C HIS A 238 -5.68 14.06 -4.82
N SER A 239 -5.36 14.91 -3.86
CA SER A 239 -6.21 15.08 -2.69
C SER A 239 -7.65 15.57 -3.02
N GLN A 240 -7.78 16.23 -4.17
CA GLN A 240 -9.07 16.77 -4.50
C GLN A 240 -10.03 15.64 -4.93
N PHE A 241 -9.46 14.46 -5.12
CA PHE A 241 -10.28 13.33 -5.54
C PHE A 241 -10.60 12.42 -4.37
N ILE A 242 -9.92 12.64 -3.27
CA ILE A 242 -10.06 11.73 -2.14
C ILE A 242 -10.89 12.34 -1.07
N GLY A 243 -11.92 11.62 -0.64
CA GLY A 243 -12.88 12.12 0.36
C GLY A 243 -12.54 11.96 1.81
N TYR A 244 -11.22 11.93 2.11
CA TYR A 244 -10.74 11.80 3.46
C TYR A 244 -9.56 12.71 3.61
N PRO A 245 -9.34 13.16 4.83
CA PRO A 245 -8.18 14.06 4.93
C PRO A 245 -6.81 13.34 4.72
N ILE A 246 -5.92 13.94 3.98
CA ILE A 246 -4.62 13.35 3.78
C ILE A 246 -3.69 14.37 4.46
N THR A 247 -2.92 13.92 5.44
CA THR A 247 -2.07 14.82 6.17
C THR A 247 -0.59 14.38 6.04
N LEU A 248 0.25 15.32 5.65
CA LEU A 248 1.68 15.09 5.51
C LEU A 248 2.32 15.50 6.82
N PHE A 249 3.06 14.61 7.41
CA PHE A 249 3.81 14.94 8.67
C PHE A 249 5.14 15.44 8.30
N VAL A 250 5.36 16.73 8.48
CA VAL A 250 6.63 17.36 8.14
C VAL A 250 7.64 16.93 9.16
N GLU A 251 8.82 16.54 8.74
CA GLU A 251 9.81 16.14 9.75
C GLU A 251 10.38 17.37 10.49
N LYS A 252 10.62 17.15 11.76
CA LYS A 252 11.16 18.25 12.62
C LYS A 252 12.67 18.50 12.43
#